data_6NW8
#
_entry.id   6NW8
#
_entity_poly.entity_id   1
_entity_poly.type   'polypeptide(L)'
_entity_poly.pdbx_seq_one_letter_code
;LCLSCRGGDYDCRVKGTCENGKCVCGS
;
_entity_poly.pdbx_strand_id   A
#
# COMPACT_ATOMS: atom_id res chain seq x y z
N LEU A 1 -3.53 0.59 -5.21
CA LEU A 1 -3.27 -0.85 -5.01
C LEU A 1 -1.77 -1.10 -4.92
N CYS A 2 -1.36 -1.85 -3.92
CA CYS A 2 0.03 -2.15 -3.69
C CYS A 2 0.29 -3.63 -3.89
N LEU A 3 1.25 -3.94 -4.77
CA LEU A 3 1.60 -5.32 -5.06
C LEU A 3 3.08 -5.58 -4.78
N SER A 4 3.93 -4.80 -5.42
CA SER A 4 5.37 -4.98 -5.28
C SER A 4 5.94 -4.02 -4.24
N CYS A 5 5.23 -3.90 -3.12
CA CYS A 5 5.65 -3.04 -2.04
C CYS A 5 5.07 -3.52 -0.72
N ARG A 6 5.73 -3.18 0.36
CA ARG A 6 5.32 -3.62 1.69
C ARG A 6 4.40 -2.60 2.31
N GLY A 7 3.45 -3.06 3.09
CA GLY A 7 2.48 -2.17 3.69
C GLY A 7 1.75 -2.79 4.84
N GLY A 8 0.69 -2.13 5.28
CA GLY A 8 -0.08 -2.61 6.41
C GLY A 8 -1.03 -3.72 6.05
N ASP A 9 -2.26 -3.62 6.55
CA ASP A 9 -3.27 -4.64 6.34
C ASP A 9 -3.68 -4.73 4.88
N TYR A 10 -4.25 -5.86 4.47
CA TYR A 10 -4.70 -6.05 3.10
C TYR A 10 -5.52 -4.86 2.62
N ASP A 11 -6.50 -4.45 3.42
CA ASP A 11 -7.37 -3.34 3.08
C ASP A 11 -6.56 -2.08 2.78
N CYS A 12 -5.47 -1.92 3.53
CA CYS A 12 -4.57 -0.79 3.36
C CYS A 12 -3.79 -0.91 2.05
N ARG A 13 -3.52 -2.15 1.65
CA ARG A 13 -2.75 -2.41 0.45
C ARG A 13 -3.62 -2.26 -0.79
N VAL A 14 -4.92 -2.39 -0.61
CA VAL A 14 -5.85 -2.29 -1.71
C VAL A 14 -6.10 -0.83 -2.09
N LYS A 15 -6.40 -0.02 -1.08
CA LYS A 15 -6.72 1.38 -1.30
C LYS A 15 -5.49 2.27 -1.13
N GLY A 16 -4.34 1.63 -0.97
CA GLY A 16 -3.11 2.38 -0.77
C GLY A 16 -2.35 2.60 -2.06
N THR A 17 -1.53 3.64 -2.08
CA THR A 17 -0.69 3.93 -3.22
C THR A 17 0.68 3.31 -3.02
N CYS A 18 1.15 2.62 -4.03
CA CYS A 18 2.44 1.94 -3.95
C CYS A 18 3.55 2.90 -4.36
N GLU A 19 4.36 3.31 -3.40
CA GLU A 19 5.47 4.21 -3.66
C GLU A 19 6.74 3.79 -2.94
N ASN A 20 7.81 3.65 -3.71
CA ASN A 20 9.15 3.40 -3.16
C ASN A 20 9.18 2.14 -2.29
N GLY A 21 8.49 1.11 -2.73
CA GLY A 21 8.48 -0.14 -1.99
C GLY A 21 7.59 -0.09 -0.76
N LYS A 22 6.84 1.00 -0.61
CA LYS A 22 5.98 1.18 0.54
C LYS A 22 4.55 1.49 0.12
N CYS A 23 3.61 0.84 0.76
CA CYS A 23 2.20 1.09 0.52
C CYS A 23 1.72 2.21 1.41
N VAL A 24 1.05 3.19 0.82
CA VAL A 24 0.56 4.34 1.56
C VAL A 24 -0.96 4.43 1.45
N CYS A 25 -1.66 4.05 2.49
CA CYS A 25 -3.12 4.10 2.49
C CYS A 25 -3.61 5.30 3.29
N GLY A 26 -3.25 6.49 2.81
CA GLY A 26 -3.63 7.71 3.50
C GLY A 26 -3.66 8.90 2.57
N SER A 27 -3.41 10.08 3.11
CA SER A 27 -3.40 11.30 2.32
C SER A 27 -2.48 12.33 2.98
N LEU A 1 -2.87 0.52 -5.45
CA LEU A 1 -2.70 -0.93 -5.20
C LEU A 1 -1.29 -1.23 -4.74
N CYS A 2 -1.17 -2.06 -3.72
CA CYS A 2 0.13 -2.44 -3.19
C CYS A 2 0.34 -3.94 -3.39
N LEU A 3 0.93 -4.31 -4.51
CA LEU A 3 1.15 -5.70 -4.84
C LEU A 3 2.50 -6.18 -4.32
N SER A 4 3.56 -5.57 -4.81
CA SER A 4 4.91 -5.95 -4.42
C SER A 4 5.32 -5.25 -3.13
N CYS A 5 4.80 -4.05 -2.92
CA CYS A 5 5.17 -3.24 -1.78
C CYS A 5 4.31 -3.57 -0.56
N ARG A 6 4.94 -3.58 0.60
CA ARG A 6 4.25 -3.83 1.85
C ARG A 6 4.21 -2.57 2.68
N GLY A 7 3.75 -2.69 3.92
CA GLY A 7 3.65 -1.54 4.79
C GLY A 7 2.22 -1.24 5.15
N GLY A 8 1.45 -2.31 5.32
CA GLY A 8 0.04 -2.17 5.64
C GLY A 8 -0.71 -3.42 5.27
N ASP A 9 -1.85 -3.63 5.90
CA ASP A 9 -2.64 -4.83 5.67
C ASP A 9 -3.39 -4.74 4.34
N TYR A 10 -4.14 -5.78 4.02
CA TYR A 10 -4.89 -5.84 2.77
C TYR A 10 -5.73 -4.59 2.60
N ASP A 11 -6.43 -4.21 3.67
CA ASP A 11 -7.25 -3.00 3.70
C ASP A 11 -6.47 -1.79 3.17
N CYS A 12 -5.19 -1.73 3.48
CA CYS A 12 -4.34 -0.65 3.02
C CYS A 12 -3.80 -0.91 1.63
N ARG A 13 -3.63 -2.18 1.29
CA ARG A 13 -2.96 -2.53 0.04
C ARG A 13 -3.93 -2.52 -1.14
N VAL A 14 -5.21 -2.68 -0.85
CA VAL A 14 -6.22 -2.71 -1.90
C VAL A 14 -6.59 -1.29 -2.35
N LYS A 15 -6.38 -0.30 -1.50
CA LYS A 15 -6.74 1.07 -1.85
C LYS A 15 -5.64 2.05 -1.50
N GLY A 16 -4.44 1.55 -1.27
CA GLY A 16 -3.31 2.39 -0.96
C GLY A 16 -2.41 2.60 -2.15
N THR A 17 -1.55 3.59 -2.08
CA THR A 17 -0.63 3.90 -3.17
C THR A 17 0.72 3.25 -2.93
N CYS A 18 1.25 2.62 -3.96
CA CYS A 18 2.56 1.99 -3.88
C CYS A 18 3.64 3.01 -4.16
N GLU A 19 4.21 3.57 -3.11
CA GLU A 19 5.17 4.65 -3.26
C GLU A 19 6.51 4.32 -2.61
N ASN A 20 7.58 4.40 -3.41
CA ASN A 20 8.94 4.21 -2.92
C ASN A 20 9.17 2.78 -2.43
N GLY A 21 8.29 1.89 -2.85
CA GLY A 21 8.38 0.50 -2.42
C GLY A 21 7.61 0.27 -1.14
N LYS A 22 6.83 1.25 -0.73
CA LYS A 22 6.02 1.16 0.47
C LYS A 22 4.56 1.39 0.14
N CYS A 23 3.70 0.60 0.76
CA CYS A 23 2.28 0.82 0.66
C CYS A 23 1.88 2.00 1.52
N VAL A 24 1.24 2.97 0.90
CA VAL A 24 0.82 4.18 1.60
C VAL A 24 -0.70 4.32 1.53
N CYS A 25 -1.36 3.97 2.61
CA CYS A 25 -2.80 4.07 2.70
C CYS A 25 -3.19 5.27 3.57
N GLY A 26 -2.56 6.40 3.27
CA GLY A 26 -2.67 7.55 4.13
C GLY A 26 -1.55 7.56 5.15
N SER A 27 -0.82 6.47 5.18
CA SER A 27 0.35 6.31 6.04
C SER A 27 1.33 5.35 5.39
N LEU A 1 -3.36 0.30 -5.18
CA LEU A 1 -3.05 -1.15 -5.23
C LEU A 1 -1.57 -1.39 -5.03
N CYS A 2 -1.24 -2.48 -4.35
CA CYS A 2 0.13 -2.89 -4.16
C CYS A 2 0.36 -4.25 -4.81
N LEU A 3 1.17 -4.28 -5.85
CA LEU A 3 1.46 -5.51 -6.57
C LEU A 3 2.70 -6.18 -5.98
N SER A 4 3.67 -5.37 -5.61
CA SER A 4 4.90 -5.89 -5.01
C SER A 4 5.40 -4.93 -3.93
N CYS A 5 4.53 -4.58 -3.01
CA CYS A 5 4.86 -3.60 -1.98
C CYS A 5 4.32 -4.05 -0.62
N ARG A 6 4.82 -3.44 0.43
CA ARG A 6 4.42 -3.79 1.78
C ARG A 6 4.08 -2.54 2.58
N GLY A 7 3.42 -2.73 3.71
CA GLY A 7 3.08 -1.62 4.57
C GLY A 7 1.59 -1.50 4.80
N GLY A 8 1.21 -1.28 6.04
CA GLY A 8 -0.18 -1.08 6.37
C GLY A 8 -0.96 -2.37 6.37
N ASP A 9 -2.28 -2.25 6.47
CA ASP A 9 -3.17 -3.41 6.46
C ASP A 9 -3.32 -3.93 5.04
N TYR A 10 -3.91 -5.11 4.88
CA TYR A 10 -4.19 -5.62 3.55
C TYR A 10 -4.99 -4.61 2.75
N ASP A 11 -5.95 -3.98 3.43
CA ASP A 11 -6.78 -2.94 2.83
C ASP A 11 -5.93 -1.80 2.29
N CYS A 12 -4.82 -1.52 2.97
CA CYS A 12 -3.89 -0.48 2.55
C CYS A 12 -3.12 -0.91 1.31
N ARG A 13 -3.08 -2.21 1.09
CA ARG A 13 -2.40 -2.76 -0.08
C ARG A 13 -3.38 -2.84 -1.24
N VAL A 14 -4.62 -2.53 -0.97
CA VAL A 14 -5.64 -2.53 -2.00
C VAL A 14 -5.96 -1.12 -2.46
N LYS A 15 -6.44 -0.29 -1.55
CA LYS A 15 -6.84 1.06 -1.92
C LYS A 15 -5.72 2.07 -1.65
N GLY A 16 -4.64 1.60 -1.04
CA GLY A 16 -3.51 2.44 -0.79
C GLY A 16 -2.58 2.51 -1.97
N THR A 17 -1.68 3.49 -1.95
CA THR A 17 -0.76 3.71 -3.05
C THR A 17 0.64 3.26 -2.69
N CYS A 18 1.26 2.49 -3.56
CA CYS A 18 2.63 2.06 -3.33
C CYS A 18 3.61 3.18 -3.70
N GLU A 19 4.27 3.70 -2.69
CA GLU A 19 5.25 4.75 -2.89
C GLU A 19 6.62 4.27 -2.42
N ASN A 20 7.53 4.14 -3.37
CA ASN A 20 8.89 3.65 -3.12
C ASN A 20 8.85 2.26 -2.48
N GLY A 21 7.85 1.47 -2.86
CA GLY A 21 7.73 0.13 -2.33
C GLY A 21 6.88 0.05 -1.08
N LYS A 22 6.41 1.20 -0.61
CA LYS A 22 5.64 1.28 0.62
C LYS A 22 4.18 1.56 0.34
N CYS A 23 3.31 0.70 0.83
CA CYS A 23 1.88 0.90 0.70
C CYS A 23 1.41 1.98 1.67
N VAL A 24 1.13 3.15 1.12
CA VAL A 24 0.67 4.27 1.90
C VAL A 24 -0.84 4.40 1.76
N CYS A 25 -1.54 4.35 2.88
CA CYS A 25 -2.99 4.44 2.86
C CYS A 25 -3.48 5.59 3.72
N GLY A 26 -4.25 6.48 3.12
CA GLY A 26 -4.84 7.58 3.86
C GLY A 26 -6.08 7.14 4.63
N SER A 27 -5.87 6.29 5.63
CA SER A 27 -6.94 5.71 6.43
C SER A 27 -7.83 4.82 5.55
N LEU A 1 -3.35 0.26 -5.43
CA LEU A 1 -3.08 -1.16 -5.10
C LEU A 1 -1.59 -1.37 -4.86
N CYS A 2 -1.24 -2.04 -3.78
CA CYS A 2 0.14 -2.25 -3.41
C CYS A 2 0.54 -3.71 -3.53
N LEU A 3 1.00 -4.09 -4.71
CA LEU A 3 1.48 -5.45 -4.94
C LEU A 3 3.00 -5.51 -4.86
N SER A 4 3.65 -4.44 -5.30
CA SER A 4 5.10 -4.36 -5.23
C SER A 4 5.53 -3.51 -4.04
N CYS A 5 4.59 -3.28 -3.13
CA CYS A 5 4.84 -2.46 -1.96
C CYS A 5 4.26 -3.10 -0.72
N ARG A 6 4.94 -2.94 0.39
CA ARG A 6 4.51 -3.53 1.64
C ARG A 6 4.14 -2.45 2.64
N GLY A 7 3.54 -2.85 3.74
CA GLY A 7 3.10 -1.90 4.74
C GLY A 7 1.61 -1.93 4.93
N GLY A 8 1.18 -2.00 6.18
CA GLY A 8 -0.23 -2.06 6.48
C GLY A 8 -0.81 -3.44 6.21
N ASP A 9 -2.11 -3.58 6.39
CA ASP A 9 -2.78 -4.85 6.14
C ASP A 9 -3.40 -4.83 4.77
N TYR A 10 -4.18 -5.86 4.47
CA TYR A 10 -4.78 -6.03 3.15
C TYR A 10 -5.55 -4.78 2.73
N ASP A 11 -6.44 -4.32 3.59
CA ASP A 11 -7.28 -3.18 3.29
C ASP A 11 -6.46 -1.94 2.96
N CYS A 12 -5.30 -1.81 3.59
CA CYS A 12 -4.39 -0.71 3.32
C CYS A 12 -3.76 -0.89 1.94
N ARG A 13 -3.50 -2.14 1.58
CA ARG A 13 -2.76 -2.44 0.35
C ARG A 13 -3.68 -2.44 -0.86
N VAL A 14 -4.98 -2.35 -0.62
CA VAL A 14 -5.94 -2.29 -1.71
C VAL A 14 -6.14 -0.86 -2.18
N LYS A 15 -6.44 0.03 -1.26
CA LYS A 15 -6.71 1.42 -1.60
C LYS A 15 -5.44 2.27 -1.54
N GLY A 16 -4.34 1.66 -1.13
CA GLY A 16 -3.10 2.38 -1.00
C GLY A 16 -2.35 2.48 -2.31
N THR A 17 -1.39 3.40 -2.36
CA THR A 17 -0.55 3.57 -3.52
C THR A 17 0.82 2.94 -3.30
N CYS A 18 1.31 2.26 -4.32
CA CYS A 18 2.61 1.61 -4.23
C CYS A 18 3.71 2.61 -4.53
N GLU A 19 4.26 3.20 -3.48
CA GLU A 19 5.29 4.21 -3.64
C GLU A 19 6.54 3.84 -2.85
N ASN A 20 7.63 3.68 -3.58
CA ASN A 20 8.96 3.47 -2.98
C ASN A 20 8.98 2.20 -2.12
N GLY A 21 8.29 1.17 -2.61
CA GLY A 21 8.27 -0.10 -1.91
C GLY A 21 7.35 -0.09 -0.70
N LYS A 22 6.68 1.03 -0.46
CA LYS A 22 5.83 1.19 0.69
C LYS A 22 4.41 1.50 0.24
N CYS A 23 3.45 0.88 0.91
CA CYS A 23 2.06 1.11 0.62
C CYS A 23 1.58 2.36 1.35
N VAL A 24 1.14 3.35 0.59
CA VAL A 24 0.64 4.58 1.16
C VAL A 24 -0.88 4.60 1.10
N CYS A 25 -1.51 4.27 2.21
CA CYS A 25 -2.96 4.20 2.27
C CYS A 25 -3.52 5.33 3.12
N GLY A 26 -3.17 6.56 2.74
CA GLY A 26 -3.63 7.72 3.48
C GLY A 26 -4.85 8.36 2.84
N SER A 27 -4.89 8.33 1.51
CA SER A 27 -6.01 8.91 0.78
C SER A 27 -6.97 7.81 0.34
N LEU A 1 -3.74 0.30 -5.40
CA LEU A 1 -3.43 -1.12 -5.12
C LEU A 1 -1.93 -1.31 -5.01
N CYS A 2 -1.49 -1.97 -3.95
CA CYS A 2 -0.07 -2.20 -3.72
C CYS A 2 0.29 -3.65 -4.02
N LEU A 3 1.02 -3.86 -5.09
CA LEU A 3 1.49 -5.20 -5.44
C LEU A 3 2.98 -5.36 -5.11
N SER A 4 3.77 -4.34 -5.46
CA SER A 4 5.21 -4.40 -5.21
C SER A 4 5.60 -3.61 -3.96
N CYS A 5 4.62 -3.24 -3.17
CA CYS A 5 4.86 -2.46 -1.96
C CYS A 5 4.23 -3.13 -0.76
N ARG A 6 4.90 -3.04 0.38
CA ARG A 6 4.39 -3.61 1.60
C ARG A 6 3.78 -2.54 2.48
N GLY A 7 2.85 -2.94 3.32
CA GLY A 7 2.21 -2.00 4.22
C GLY A 7 1.70 -2.67 5.48
N GLY A 8 0.61 -2.16 6.00
CA GLY A 8 0.03 -2.73 7.20
C GLY A 8 -1.04 -3.75 6.89
N ASP A 9 -2.29 -3.36 7.10
CA ASP A 9 -3.42 -4.27 6.92
C ASP A 9 -3.70 -4.49 5.44
N TYR A 10 -4.38 -5.58 5.12
CA TYR A 10 -4.79 -5.87 3.76
C TYR A 10 -5.47 -4.66 3.13
N ASP A 11 -6.40 -4.08 3.86
CA ASP A 11 -7.18 -2.93 3.38
C ASP A 11 -6.26 -1.79 2.95
N CYS A 12 -5.12 -1.66 3.62
CA CYS A 12 -4.17 -0.62 3.32
C CYS A 12 -3.59 -0.80 1.92
N ARG A 13 -3.34 -2.04 1.55
CA ARG A 13 -2.67 -2.32 0.29
C ARG A 13 -3.68 -2.54 -0.83
N VAL A 14 -4.95 -2.37 -0.53
CA VAL A 14 -5.98 -2.42 -1.54
C VAL A 14 -6.16 -1.05 -2.18
N LYS A 15 -6.47 -0.06 -1.35
CA LYS A 15 -6.73 1.28 -1.84
C LYS A 15 -5.52 2.19 -1.66
N GLY A 16 -4.41 1.60 -1.25
CA GLY A 16 -3.19 2.36 -1.06
C GLY A 16 -2.38 2.45 -2.34
N THR A 17 -1.37 3.31 -2.32
CA THR A 17 -0.51 3.51 -3.47
C THR A 17 0.86 2.87 -3.24
N CYS A 18 1.43 2.29 -4.28
CA CYS A 18 2.74 1.66 -4.19
C CYS A 18 3.83 2.69 -4.45
N GLU A 19 4.34 3.28 -3.38
CA GLU A 19 5.35 4.30 -3.49
C GLU A 19 6.63 3.87 -2.78
N ASN A 20 7.72 3.82 -3.54
CA ASN A 20 9.05 3.46 -3.04
C ASN A 20 9.05 2.25 -2.11
N GLY A 21 8.26 1.24 -2.48
CA GLY A 21 8.24 0.00 -1.72
C GLY A 21 7.28 0.04 -0.54
N LYS A 22 6.74 1.21 -0.28
CA LYS A 22 5.85 1.42 0.84
C LYS A 22 4.42 1.60 0.34
N CYS A 23 3.51 0.83 0.90
CA CYS A 23 2.12 0.98 0.56
C CYS A 23 1.51 2.13 1.35
N VAL A 24 1.17 3.18 0.65
CA VAL A 24 0.65 4.38 1.27
C VAL A 24 -0.86 4.45 1.14
N CYS A 25 -1.56 4.07 2.20
CA CYS A 25 -3.01 4.12 2.23
C CYS A 25 -3.49 5.38 2.93
N GLY A 26 -2.87 6.49 2.58
CA GLY A 26 -3.21 7.76 3.17
C GLY A 26 -2.41 8.88 2.55
N SER A 27 -2.29 10.00 3.26
CA SER A 27 -1.53 11.13 2.77
C SER A 27 -0.66 11.69 3.90
N LEU A 1 -4.11 -1.39 -6.64
CA LEU A 1 -3.75 -2.57 -5.82
C LEU A 1 -2.25 -2.58 -5.56
N CYS A 2 -1.86 -2.38 -4.31
CA CYS A 2 -0.46 -2.28 -3.94
C CYS A 2 0.14 -3.67 -3.71
N LEU A 3 0.79 -4.18 -4.74
CA LEU A 3 1.41 -5.50 -4.67
C LEU A 3 2.94 -5.40 -4.68
N SER A 4 3.48 -4.47 -5.48
CA SER A 4 4.93 -4.31 -5.60
C SER A 4 5.52 -3.65 -4.35
N CYS A 5 4.65 -3.21 -3.46
CA CYS A 5 5.08 -2.56 -2.23
C CYS A 5 4.58 -3.35 -1.02
N ARG A 6 5.17 -3.07 0.12
CA ARG A 6 4.79 -3.73 1.36
C ARG A 6 4.35 -2.70 2.38
N GLY A 7 3.79 -3.15 3.49
CA GLY A 7 3.44 -2.26 4.57
C GLY A 7 1.95 -2.08 4.73
N GLY A 8 1.51 -2.08 5.97
CA GLY A 8 0.11 -1.87 6.28
C GLY A 8 -0.69 -3.15 6.23
N ASP A 9 -1.98 -3.04 6.51
CA ASP A 9 -2.87 -4.19 6.46
C ASP A 9 -3.39 -4.37 5.05
N TYR A 10 -4.19 -5.40 4.83
CA TYR A 10 -4.73 -5.69 3.51
C TYR A 10 -5.43 -4.47 2.92
N ASP A 11 -6.32 -3.88 3.69
CA ASP A 11 -7.10 -2.75 3.19
C ASP A 11 -6.19 -1.59 2.84
N CYS A 12 -5.12 -1.43 3.61
CA CYS A 12 -4.16 -0.38 3.37
C CYS A 12 -3.42 -0.61 2.04
N ARG A 13 -3.36 -1.86 1.62
CA ARG A 13 -2.66 -2.21 0.39
C ARG A 13 -3.62 -2.19 -0.79
N VAL A 14 -4.89 -2.45 -0.53
CA VAL A 14 -5.89 -2.46 -1.60
C VAL A 14 -6.39 -1.04 -1.87
N LYS A 15 -6.27 -0.17 -0.87
CA LYS A 15 -6.67 1.23 -1.02
C LYS A 15 -5.44 2.12 -1.24
N GLY A 16 -4.27 1.57 -0.96
CA GLY A 16 -3.06 2.37 -0.93
C GLY A 16 -2.26 2.31 -2.21
N THR A 17 -1.38 3.29 -2.37
CA THR A 17 -0.53 3.38 -3.54
C THR A 17 0.85 2.81 -3.24
N CYS A 18 1.43 2.18 -4.24
CA CYS A 18 2.76 1.59 -4.11
C CYS A 18 3.83 2.66 -4.31
N GLU A 19 4.28 3.23 -3.21
CA GLU A 19 5.26 4.30 -3.26
C GLU A 19 6.52 3.93 -2.51
N ASN A 20 7.61 3.79 -3.26
CA ASN A 20 8.94 3.54 -2.69
C ASN A 20 8.95 2.28 -1.83
N GLY A 21 8.22 1.27 -2.27
CA GLY A 21 8.20 0.01 -1.55
C GLY A 21 7.22 0.00 -0.39
N LYS A 22 6.46 1.07 -0.23
CA LYS A 22 5.49 1.14 0.85
C LYS A 22 4.09 1.37 0.30
N CYS A 23 3.14 0.60 0.81
CA CYS A 23 1.74 0.81 0.49
C CYS A 23 1.21 1.98 1.31
N VAL A 24 1.08 3.11 0.65
CA VAL A 24 0.61 4.33 1.30
C VAL A 24 -0.89 4.47 1.13
N CYS A 25 -1.62 4.23 2.20
CA CYS A 25 -3.08 4.28 2.16
C CYS A 25 -3.59 5.56 2.83
N GLY A 26 -3.32 6.69 2.20
CA GLY A 26 -3.71 7.95 2.76
C GLY A 26 -4.41 8.85 1.75
N SER A 27 -5.00 8.24 0.74
CA SER A 27 -5.73 8.97 -0.28
C SER A 27 -7.18 8.49 -0.36
N LEU A 1 -3.74 0.41 -5.76
CA LEU A 1 -3.43 -0.98 -5.34
C LEU A 1 -1.96 -1.12 -4.96
N CYS A 2 -1.70 -1.87 -3.91
CA CYS A 2 -0.36 -2.14 -3.46
C CYS A 2 -0.21 -3.62 -3.17
N LEU A 3 -0.50 -4.43 -4.17
CA LEU A 3 -0.52 -5.87 -4.01
C LEU A 3 0.87 -6.45 -4.23
N SER A 4 1.68 -5.78 -5.02
CA SER A 4 3.03 -6.24 -5.31
C SER A 4 4.02 -5.72 -4.27
N CYS A 5 3.51 -5.04 -3.25
CA CYS A 5 4.35 -4.44 -2.24
C CYS A 5 3.81 -4.75 -0.85
N ARG A 6 4.58 -4.42 0.17
CA ARG A 6 4.15 -4.62 1.54
C ARG A 6 4.39 -3.36 2.36
N GLY A 7 3.94 -3.37 3.59
CA GLY A 7 4.12 -2.23 4.46
C GLY A 7 2.80 -1.55 4.76
N GLY A 8 1.86 -2.34 5.26
CA GLY A 8 0.54 -1.83 5.57
C GLY A 8 -0.43 -2.96 5.81
N ASP A 9 -1.66 -2.64 6.18
CA ASP A 9 -2.65 -3.68 6.41
C ASP A 9 -3.29 -4.09 5.10
N TYR A 10 -4.20 -5.05 5.16
CA TYR A 10 -4.84 -5.60 3.97
C TYR A 10 -5.53 -4.51 3.18
N ASP A 11 -6.46 -3.81 3.83
CA ASP A 11 -7.21 -2.74 3.19
C ASP A 11 -6.28 -1.64 2.73
N CYS A 12 -5.16 -1.49 3.42
CA CYS A 12 -4.18 -0.47 3.10
C CYS A 12 -3.55 -0.74 1.73
N ARG A 13 -3.54 -2.00 1.33
CA ARG A 13 -2.99 -2.37 0.04
C ARG A 13 -4.06 -2.29 -1.03
N VAL A 14 -5.31 -2.33 -0.62
CA VAL A 14 -6.42 -2.25 -1.55
C VAL A 14 -6.69 -0.80 -1.92
N LYS A 15 -6.81 0.05 -0.90
CA LYS A 15 -7.04 1.47 -1.12
C LYS A 15 -5.76 2.25 -0.88
N GLY A 16 -4.65 1.65 -1.25
CA GLY A 16 -3.36 2.29 -1.10
C GLY A 16 -2.51 2.17 -2.34
N THR A 17 -1.44 2.93 -2.38
CA THR A 17 -0.53 2.93 -3.51
C THR A 17 0.87 2.56 -3.06
N CYS A 18 1.58 1.80 -3.89
CA CYS A 18 2.95 1.41 -3.57
C CYS A 18 3.89 2.57 -3.85
N GLU A 19 4.27 3.26 -2.80
CA GLU A 19 5.14 4.41 -2.90
C GLU A 19 6.46 4.12 -2.21
N ASN A 20 7.55 4.23 -2.96
CA ASN A 20 8.89 4.02 -2.44
C ASN A 20 9.02 2.62 -1.85
N GLY A 21 8.27 1.68 -2.41
CA GLY A 21 8.31 0.31 -1.93
C GLY A 21 7.51 0.10 -0.66
N LYS A 22 6.57 0.98 -0.38
CA LYS A 22 5.69 0.83 0.77
C LYS A 22 4.25 1.08 0.37
N CYS A 23 3.34 0.37 1.01
CA CYS A 23 1.91 0.59 0.81
C CYS A 23 1.45 1.82 1.57
N VAL A 24 1.20 2.88 0.84
CA VAL A 24 0.71 4.12 1.42
C VAL A 24 -0.77 4.29 1.11
N CYS A 25 -1.58 4.17 2.14
CA CYS A 25 -3.02 4.27 1.99
C CYS A 25 -3.54 5.57 2.60
N GLY A 26 -3.48 6.63 1.81
CA GLY A 26 -3.93 7.93 2.27
C GLY A 26 -2.86 8.63 3.07
N SER A 27 -2.58 8.13 4.26
CA SER A 27 -1.57 8.71 5.12
C SER A 27 -1.26 7.74 6.26
N LEU A 1 -3.73 -0.18 -5.39
CA LEU A 1 -3.33 -1.48 -4.80
C LEU A 1 -1.82 -1.55 -4.63
N CYS A 2 -1.38 -1.89 -3.44
CA CYS A 2 0.03 -2.05 -3.15
C CYS A 2 0.49 -3.44 -3.52
N LEU A 3 0.73 -3.65 -4.81
CA LEU A 3 1.08 -4.96 -5.32
C LEU A 3 2.59 -5.14 -5.34
N SER A 4 3.32 -4.08 -5.67
CA SER A 4 4.77 -4.17 -5.78
C SER A 4 5.47 -3.80 -4.46
N CYS A 5 4.71 -3.83 -3.38
CA CYS A 5 5.24 -3.43 -2.08
C CYS A 5 4.38 -3.99 -0.96
N ARG A 6 4.92 -3.92 0.26
CA ARG A 6 4.20 -4.37 1.44
C ARG A 6 3.92 -3.19 2.37
N GLY A 7 3.33 -3.48 3.51
CA GLY A 7 3.03 -2.46 4.48
C GLY A 7 1.54 -2.29 4.68
N GLY A 8 1.11 -2.29 5.93
CA GLY A 8 -0.29 -2.11 6.24
C GLY A 8 -1.08 -3.40 6.12
N ASP A 9 -2.35 -3.35 6.47
CA ASP A 9 -3.22 -4.51 6.36
C ASP A 9 -3.81 -4.58 4.97
N TYR A 10 -4.64 -5.59 4.72
CA TYR A 10 -5.27 -5.76 3.41
C TYR A 10 -6.00 -4.50 2.99
N ASP A 11 -6.80 -3.95 3.89
CA ASP A 11 -7.62 -2.78 3.61
C ASP A 11 -6.74 -1.58 3.28
N CYS A 12 -5.53 -1.56 3.82
CA CYS A 12 -4.58 -0.52 3.51
C CYS A 12 -3.97 -0.73 2.13
N ARG A 13 -3.67 -1.99 1.82
CA ARG A 13 -2.99 -2.33 0.58
C ARG A 13 -3.94 -2.29 -0.62
N VAL A 14 -5.21 -2.60 -0.37
CA VAL A 14 -6.19 -2.69 -1.43
C VAL A 14 -6.47 -1.33 -2.06
N LYS A 15 -6.31 -0.27 -1.26
CA LYS A 15 -6.59 1.07 -1.75
C LYS A 15 -5.43 2.01 -1.44
N GLY A 16 -4.26 1.43 -1.26
CA GLY A 16 -3.08 2.22 -1.01
C GLY A 16 -2.25 2.41 -2.26
N THR A 17 -1.37 3.39 -2.23
CA THR A 17 -0.48 3.67 -3.35
C THR A 17 0.88 3.05 -3.08
N CYS A 18 1.41 2.36 -4.07
CA CYS A 18 2.70 1.70 -3.94
C CYS A 18 3.81 2.70 -4.27
N GLU A 19 4.34 3.33 -3.24
CA GLU A 19 5.30 4.40 -3.42
C GLU A 19 6.64 4.06 -2.77
N ASN A 20 7.67 3.93 -3.60
CA ASN A 20 9.03 3.71 -3.13
C ASN A 20 9.12 2.44 -2.28
N GLY A 21 8.39 1.41 -2.70
CA GLY A 21 8.40 0.15 -2.00
C GLY A 21 7.58 0.20 -0.72
N LYS A 22 6.81 1.26 -0.56
CA LYS A 22 6.02 1.46 0.63
C LYS A 22 4.56 1.60 0.28
N CYS A 23 3.72 0.78 0.88
CA CYS A 23 2.29 0.89 0.72
C CYS A 23 1.79 2.12 1.48
N VAL A 24 1.35 3.11 0.74
CA VAL A 24 0.88 4.34 1.33
C VAL A 24 -0.63 4.46 1.18
N CYS A 25 -1.34 4.05 2.21
CA CYS A 25 -2.78 4.19 2.24
C CYS A 25 -3.16 5.46 3.00
N GLY A 26 -3.07 6.59 2.30
CA GLY A 26 -3.30 7.88 2.91
C GLY A 26 -4.67 7.99 3.56
N SER A 27 -5.68 7.56 2.85
CA SER A 27 -7.04 7.59 3.39
C SER A 27 -7.87 6.48 2.72
N LEU A 1 -3.17 0.34 -5.33
CA LEU A 1 -2.95 -1.05 -4.91
C LEU A 1 -1.52 -1.24 -4.45
N CYS A 2 -1.33 -2.15 -3.50
CA CYS A 2 0.01 -2.46 -3.03
C CYS A 2 0.35 -3.90 -3.36
N LEU A 3 0.74 -4.14 -4.60
CA LEU A 3 1.07 -5.49 -5.04
C LEU A 3 2.59 -5.69 -5.02
N SER A 4 3.33 -4.67 -5.39
CA SER A 4 4.77 -4.76 -5.45
C SER A 4 5.42 -3.98 -4.30
N CYS A 5 4.80 -4.07 -3.13
CA CYS A 5 5.29 -3.38 -1.95
C CYS A 5 4.60 -3.92 -0.70
N ARG A 6 5.05 -3.45 0.46
CA ARG A 6 4.49 -3.91 1.74
C ARG A 6 4.41 -2.76 2.72
N GLY A 7 3.82 -3.02 3.88
CA GLY A 7 3.75 -2.02 4.93
C GLY A 7 2.40 -2.00 5.62
N GLY A 8 1.34 -1.85 4.85
CA GLY A 8 0.02 -1.76 5.42
C GLY A 8 -0.72 -3.08 5.39
N ASP A 9 -1.94 -3.09 5.92
CA ASP A 9 -2.76 -4.30 5.95
C ASP A 9 -3.55 -4.42 4.65
N TYR A 10 -4.44 -5.40 4.61
CA TYR A 10 -5.25 -5.67 3.42
C TYR A 10 -5.91 -4.40 2.91
N ASP A 11 -6.64 -3.71 3.80
CA ASP A 11 -7.36 -2.51 3.44
C ASP A 11 -6.43 -1.47 2.81
N CYS A 12 -5.19 -1.44 3.30
CA CYS A 12 -4.20 -0.53 2.77
C CYS A 12 -3.70 -1.00 1.40
N ARG A 13 -3.64 -2.32 1.22
CA ARG A 13 -3.10 -2.87 -0.01
C ARG A 13 -4.11 -2.75 -1.14
N VAL A 14 -5.34 -2.42 -0.78
CA VAL A 14 -6.40 -2.27 -1.76
C VAL A 14 -6.57 -0.82 -2.17
N LYS A 15 -6.79 0.07 -1.21
CA LYS A 15 -7.07 1.46 -1.54
C LYS A 15 -5.86 2.35 -1.30
N GLY A 16 -4.72 1.74 -1.03
CA GLY A 16 -3.50 2.49 -0.83
C GLY A 16 -2.68 2.57 -2.09
N THR A 17 -1.65 3.39 -2.06
CA THR A 17 -0.78 3.59 -3.20
C THR A 17 0.57 2.94 -2.97
N CYS A 18 1.05 2.24 -3.99
CA CYS A 18 2.34 1.58 -3.90
C CYS A 18 3.44 2.56 -4.30
N GLU A 19 4.07 3.16 -3.29
CA GLU A 19 5.03 4.23 -3.53
C GLU A 19 6.34 3.98 -2.77
N ASN A 20 7.44 4.00 -3.50
CA ASN A 20 8.78 3.86 -2.94
C ASN A 20 8.93 2.51 -2.23
N GLY A 21 8.24 1.51 -2.76
CA GLY A 21 8.30 0.18 -2.19
C GLY A 21 7.50 0.06 -0.91
N LYS A 22 6.74 1.10 -0.59
CA LYS A 22 5.96 1.12 0.63
C LYS A 22 4.49 1.28 0.31
N CYS A 23 3.66 0.52 0.98
CA CYS A 23 2.21 0.64 0.83
C CYS A 23 1.72 1.86 1.60
N VAL A 24 1.37 2.90 0.87
CA VAL A 24 0.95 4.16 1.46
C VAL A 24 -0.56 4.27 1.45
N CYS A 25 -1.16 4.07 2.61
CA CYS A 25 -2.60 4.17 2.75
C CYS A 25 -2.99 5.36 3.60
N GLY A 26 -2.93 6.55 3.01
CA GLY A 26 -3.30 7.76 3.72
C GLY A 26 -4.68 8.23 3.35
N SER A 27 -5.16 7.81 2.19
CA SER A 27 -6.47 8.20 1.71
C SER A 27 -7.52 7.18 2.14
N LEU A 1 -3.26 -1.51 -7.16
CA LEU A 1 -3.16 -1.72 -5.69
C LEU A 1 -1.76 -2.21 -5.35
N CYS A 2 -1.40 -2.11 -4.08
CA CYS A 2 -0.04 -2.39 -3.64
C CYS A 2 0.32 -3.87 -3.75
N LEU A 3 0.87 -4.24 -4.89
CA LEU A 3 1.39 -5.60 -5.08
C LEU A 3 2.92 -5.59 -4.95
N SER A 4 3.53 -4.53 -5.44
CA SER A 4 4.98 -4.38 -5.36
C SER A 4 5.38 -3.69 -4.07
N CYS A 5 4.39 -3.33 -3.27
CA CYS A 5 4.63 -2.58 -2.05
C CYS A 5 4.05 -3.29 -0.84
N ARG A 6 4.76 -3.17 0.27
CA ARG A 6 4.34 -3.77 1.51
C ARG A 6 3.99 -2.67 2.51
N GLY A 7 3.46 -3.06 3.66
CA GLY A 7 3.10 -2.10 4.67
C GLY A 7 1.60 -2.07 4.89
N GLY A 8 1.20 -2.20 6.14
CA GLY A 8 -0.21 -2.17 6.48
C GLY A 8 -0.90 -3.50 6.22
N ASP A 9 -2.18 -3.55 6.52
CA ASP A 9 -2.97 -4.75 6.29
C ASP A 9 -3.47 -4.78 4.85
N TYR A 10 -4.24 -5.80 4.52
CA TYR A 10 -4.76 -5.96 3.17
C TYR A 10 -5.55 -4.73 2.75
N ASP A 11 -6.47 -4.31 3.62
CA ASP A 11 -7.34 -3.17 3.35
C ASP A 11 -6.52 -1.91 3.06
N CYS A 12 -5.32 -1.85 3.61
CA CYS A 12 -4.41 -0.76 3.35
C CYS A 12 -3.76 -0.92 1.98
N ARG A 13 -3.42 -2.15 1.64
CA ARG A 13 -2.70 -2.45 0.42
C ARG A 13 -3.61 -2.37 -0.80
N VAL A 14 -4.90 -2.32 -0.56
CA VAL A 14 -5.87 -2.20 -1.62
C VAL A 14 -6.10 -0.74 -1.98
N LYS A 15 -6.24 0.10 -0.96
CA LYS A 15 -6.56 1.51 -1.18
C LYS A 15 -5.30 2.35 -1.28
N GLY A 16 -4.19 1.80 -0.82
CA GLY A 16 -2.96 2.56 -0.75
C GLY A 16 -2.27 2.70 -2.10
N THR A 17 -1.36 3.64 -2.18
CA THR A 17 -0.56 3.84 -3.36
C THR A 17 0.79 3.14 -3.22
N CYS A 18 1.15 2.35 -4.22
CA CYS A 18 2.41 1.64 -4.19
C CYS A 18 3.55 2.60 -4.53
N GLU A 19 4.20 3.12 -3.50
CA GLU A 19 5.27 4.09 -3.68
C GLU A 19 6.55 3.66 -3.00
N ASN A 20 7.53 3.31 -3.82
CA ASN A 20 8.88 2.99 -3.35
C ASN A 20 8.87 1.81 -2.39
N GLY A 21 8.02 0.83 -2.68
CA GLY A 21 7.96 -0.37 -1.86
C GLY A 21 7.06 -0.22 -0.66
N LYS A 22 6.53 0.98 -0.45
CA LYS A 22 5.64 1.23 0.66
C LYS A 22 4.23 1.51 0.17
N CYS A 23 3.26 0.85 0.77
CA CYS A 23 1.88 1.11 0.47
C CYS A 23 1.40 2.32 1.25
N VAL A 24 1.14 3.40 0.55
CA VAL A 24 0.72 4.63 1.19
C VAL A 24 -0.81 4.70 1.26
N CYS A 25 -1.34 4.24 2.37
CA CYS A 25 -2.79 4.25 2.60
C CYS A 25 -3.14 5.27 3.68
N GLY A 26 -2.37 6.35 3.73
CA GLY A 26 -2.53 7.32 4.80
C GLY A 26 -1.76 6.88 6.04
N SER A 27 -0.79 6.01 5.84
CA SER A 27 0.02 5.49 6.92
C SER A 27 1.49 5.58 6.54
#